data_1QH3
#
_entry.id   1QH3
#
_cell.length_a   39.080
_cell.length_b   72.370
_cell.length_c   162.060
_cell.angle_alpha   90.00
_cell.angle_beta   90.00
_cell.angle_gamma   90.00
#
_symmetry.space_group_name_H-M   'P 21 21 21'
#
loop_
_entity.id
_entity.type
_entity.pdbx_description
1 polymer 'PROTEIN (HYDROXYACYLGLUTATHIONE HYDROLASE)'
2 non-polymer 'ZINC ION'
3 non-polymer 'CACODYLATE ION'
4 non-polymer 'ACETATE ION'
5 non-polymer 'MANGANESE (II) ION'
6 non-polymer 'CHLORIDE ION'
7 water water
#
_entity_poly.entity_id   1
_entity_poly.type   'polypeptide(L)'
_entity_poly.pdbx_seq_one_letter_code
;MKVEVLPALTDNYMYLVIDDETKEAAIVDPVQPQKVVDAARKHGVKLTTVLTTHHHWDHAGGNEKLVKLESGLKVYGGDD
RIGALTHKITHLSTLQVGSLNVKCLATPCHTSGHICYFVSKPGGSEPPAVFTGDTLFVAGCGKFYEGTADEMCKALLEVL
GRLPPDTRVYCGHEYTINNLKFARHVEPGNAAIREKLAWAKEKYSIGEPTVPSTLAEEFTYNPFMRVREKTVQQHAGETD
PVTTMRAVRREKDQFKMPRD
;
_entity_poly.pdbx_strand_id   A,B
#
# COMPACT_ATOMS: atom_id res chain seq x y z
N MET A 1 14.55 39.46 10.90
CA MET A 1 15.17 38.13 10.61
C MET A 1 15.35 37.94 9.11
N LYS A 2 16.34 37.12 8.78
CA LYS A 2 16.61 36.80 7.39
C LYS A 2 16.80 35.28 7.29
N VAL A 3 16.07 34.63 6.38
CA VAL A 3 16.25 33.18 6.23
C VAL A 3 16.92 32.93 4.89
N GLU A 4 18.09 32.31 4.90
CA GLU A 4 18.82 31.94 3.72
C GLU A 4 18.64 30.44 3.47
N VAL A 5 17.98 30.14 2.37
CA VAL A 5 17.72 28.76 1.96
C VAL A 5 19.00 28.21 1.34
N LEU A 6 19.49 27.09 1.84
CA LEU A 6 20.71 26.50 1.33
C LEU A 6 20.47 25.05 0.87
N PRO A 7 20.42 24.87 -0.44
CA PRO A 7 20.25 23.55 -1.01
C PRO A 7 21.42 22.67 -0.58
N ALA A 8 21.16 21.37 -0.38
CA ALA A 8 22.18 20.42 -0.02
C ALA A 8 21.84 19.06 -0.62
N LEU A 9 22.87 18.27 -0.85
CA LEU A 9 22.68 16.92 -1.39
C LEU A 9 21.86 17.03 -2.67
N THR A 10 20.90 16.16 -2.92
CA THR A 10 20.09 16.20 -4.14
C THR A 10 18.84 17.05 -4.04
N ASP A 11 18.12 16.96 -2.92
CA ASP A 11 16.91 17.78 -2.80
C ASP A 11 16.65 18.21 -1.36
N ASN A 12 17.71 18.31 -0.56
CA ASN A 12 17.55 18.75 0.82
C ASN A 12 17.69 20.28 0.91
N TYR A 13 17.12 20.82 1.98
CA TYR A 13 17.29 22.22 2.29
C TYR A 13 17.77 22.38 3.74
N MET A 14 18.83 23.18 3.86
CA MET A 14 19.32 23.62 5.13
C MET A 14 18.91 25.10 5.20
N TYR A 15 18.73 25.62 6.41
CA TYR A 15 18.30 27.01 6.51
C TYR A 15 19.16 27.79 7.51
N LEU A 16 19.74 28.87 7.02
CA LEU A 16 20.56 29.73 7.88
C LEU A 16 19.63 30.85 8.36
N VAL A 17 19.29 30.83 9.63
CA VAL A 17 18.38 31.77 10.25
C VAL A 17 19.20 32.89 10.88
N ILE A 18 19.20 34.03 10.19
CA ILE A 18 20.03 35.15 10.59
C ILE A 18 19.34 36.23 11.41
N ASP A 19 19.93 36.56 12.56
CA ASP A 19 19.43 37.68 13.35
C ASP A 19 20.19 38.91 12.83
N ASP A 20 19.56 39.70 11.97
CA ASP A 20 20.19 40.86 11.37
C ASP A 20 20.69 41.86 12.41
N GLU A 21 20.22 41.73 13.66
CA GLU A 21 20.60 42.69 14.68
C GLU A 21 21.98 42.39 15.26
N THR A 22 22.05 41.31 16.02
CA THR A 22 23.30 40.92 16.65
C THR A 22 24.25 40.25 15.66
N LYS A 23 23.77 39.96 14.46
CA LYS A 23 24.58 39.28 13.46
C LYS A 23 24.89 37.84 13.91
N GLU A 24 24.00 37.26 14.71
CA GLU A 24 24.12 35.88 15.15
C GLU A 24 23.17 35.03 14.30
N ALA A 25 23.47 33.75 14.19
CA ALA A 25 22.62 32.90 13.34
C ALA A 25 22.53 31.47 13.84
N ALA A 26 21.46 30.82 13.39
CA ALA A 26 21.24 29.40 13.69
C ALA A 26 21.23 28.71 12.32
N ILE A 27 21.50 27.40 12.30
CA ILE A 27 21.43 26.66 11.05
C ILE A 27 20.47 25.50 11.28
N VAL A 28 19.55 25.29 10.34
CA VAL A 28 18.60 24.19 10.48
C VAL A 28 19.13 23.00 9.66
N ASP A 29 19.32 21.87 10.29
CA ASP A 29 19.76 20.64 9.61
C ASP A 29 21.01 20.79 8.77
N PRO A 30 22.16 21.02 9.38
CA PRO A 30 23.39 21.34 8.67
C PRO A 30 24.12 20.15 8.11
N VAL A 31 23.51 19.38 7.21
CA VAL A 31 24.09 18.15 6.66
C VAL A 31 25.38 18.35 5.89
N GLN A 32 25.60 19.50 5.29
CA GLN A 32 26.85 19.83 4.60
C GLN A 32 27.48 21.01 5.34
N PRO A 33 28.23 20.69 6.38
CA PRO A 33 28.80 21.71 7.25
C PRO A 33 29.65 22.78 6.60
N GLN A 34 30.56 22.41 5.71
CA GLN A 34 31.41 23.43 5.08
C GLN A 34 30.55 24.44 4.33
N LYS A 35 29.46 23.98 3.74
CA LYS A 35 28.55 24.86 3.02
C LYS A 35 27.95 25.91 3.97
N VAL A 36 27.69 25.43 5.19
CA VAL A 36 27.11 26.28 6.23
C VAL A 36 28.08 27.40 6.61
N VAL A 37 29.34 26.95 6.81
CA VAL A 37 30.43 27.87 7.16
C VAL A 37 30.61 28.95 6.12
N ASP A 38 30.63 28.62 4.84
CA ASP A 38 30.77 29.61 3.77
C ASP A 38 29.60 30.60 3.75
N ALA A 39 28.40 30.07 3.94
CA ALA A 39 27.19 30.90 3.94
C ALA A 39 27.30 31.91 5.08
N ALA A 40 27.62 31.44 6.29
CA ALA A 40 27.75 32.33 7.43
C ALA A 40 28.83 33.39 7.15
N ARG A 41 29.88 32.97 6.45
CA ARG A 41 30.95 33.92 6.12
C ARG A 41 30.51 34.89 5.05
N LYS A 42 29.75 34.45 4.05
CA LYS A 42 29.26 35.34 3.01
C LYS A 42 28.32 36.39 3.60
N HIS A 43 27.56 36.02 4.62
CA HIS A 43 26.62 36.96 5.23
C HIS A 43 27.17 37.67 6.47
N GLY A 44 28.45 37.58 6.73
CA GLY A 44 29.08 38.24 7.86
C GLY A 44 28.40 37.96 9.20
N VAL A 45 28.00 36.71 9.44
CA VAL A 45 27.31 36.42 10.71
C VAL A 45 28.01 35.32 11.49
N LYS A 46 27.79 35.29 12.79
CA LYS A 46 28.37 34.31 13.68
C LYS A 46 27.41 33.17 14.01
N LEU A 47 27.77 31.96 13.59
CA LEU A 47 26.91 30.80 13.84
C LEU A 47 26.94 30.48 15.33
N THR A 48 25.79 30.38 16.00
CA THR A 48 25.83 30.06 17.42
C THR A 48 25.02 28.81 17.75
N THR A 49 24.09 28.50 16.84
CA THR A 49 23.10 27.48 17.15
C THR A 49 22.79 26.53 16.02
N VAL A 50 22.52 25.28 16.40
CA VAL A 50 22.10 24.28 15.41
C VAL A 50 20.71 23.81 15.86
N LEU A 51 19.75 23.83 14.97
CA LEU A 51 18.40 23.36 15.26
C LEU A 51 18.18 22.13 14.37
N THR A 52 17.99 20.98 14.99
CA THR A 52 17.85 19.73 14.26
C THR A 52 16.41 19.21 14.26
N THR A 53 15.81 19.09 13.08
CA THR A 53 14.41 18.66 13.03
C THR A 53 14.22 17.20 13.39
N HIS A 54 15.15 16.37 12.91
CA HIS A 54 15.09 14.95 13.25
C HIS A 54 16.42 14.27 12.97
N HIS A 55 16.56 13.04 13.45
CA HIS A 55 17.80 12.28 13.41
C HIS A 55 18.23 11.73 12.07
N HIS A 56 17.34 11.69 11.09
CA HIS A 56 17.72 11.14 9.78
C HIS A 56 19.00 11.83 9.31
N TRP A 57 19.87 11.03 8.69
CA TRP A 57 21.20 11.50 8.29
C TRP A 57 21.22 12.71 7.39
N ASP A 58 20.27 12.79 6.45
CA ASP A 58 20.23 13.93 5.54
C ASP A 58 19.85 15.21 6.30
N HIS A 59 19.51 15.13 7.58
CA HIS A 59 19.25 16.32 8.37
C HIS A 59 20.27 16.52 9.49
N ALA A 60 20.58 15.45 10.22
CA ALA A 60 21.47 15.56 11.37
C ALA A 60 22.89 15.05 11.13
N GLY A 61 23.14 14.48 9.97
CA GLY A 61 24.39 13.84 9.60
C GLY A 61 25.64 14.69 9.57
N GLY A 62 25.47 16.02 9.58
CA GLY A 62 26.63 16.89 9.60
C GLY A 62 26.85 17.52 10.97
N ASN A 63 26.04 17.21 11.97
CA ASN A 63 26.16 17.85 13.27
C ASN A 63 27.54 17.65 13.93
N GLU A 64 28.02 16.41 13.95
CA GLU A 64 29.32 16.12 14.56
C GLU A 64 30.44 16.87 13.86
N LYS A 65 30.40 16.92 12.53
CA LYS A 65 31.44 17.60 11.77
C LYS A 65 31.34 19.12 11.92
N LEU A 66 30.12 19.64 12.01
CA LEU A 66 29.99 21.09 12.17
C LEU A 66 30.57 21.55 13.49
N VAL A 67 30.28 20.83 14.55
CA VAL A 67 30.78 21.14 15.89
C VAL A 67 32.32 21.09 15.87
N LYS A 68 32.87 20.26 14.99
CA LYS A 68 34.32 20.15 14.83
C LYS A 68 34.88 21.29 14.00
N LEU A 69 34.06 21.94 13.19
CA LEU A 69 34.54 23.08 12.42
C LEU A 69 34.33 24.37 13.21
N GLU A 70 33.34 24.38 14.09
CA GLU A 70 32.96 25.56 14.84
C GLU A 70 32.79 25.34 16.34
N SER A 71 33.47 26.15 17.15
CA SER A 71 33.37 25.99 18.60
C SER A 71 32.26 26.79 19.26
N GLY A 72 31.86 26.31 20.44
CA GLY A 72 30.87 26.98 21.26
C GLY A 72 29.45 26.86 20.74
N LEU A 73 29.23 25.96 19.77
CA LEU A 73 27.87 25.79 19.25
C LEU A 73 26.93 25.13 20.23
N LYS A 74 25.69 25.62 20.24
CA LYS A 74 24.63 25.00 21.04
C LYS A 74 23.87 24.16 20.00
N VAL A 75 23.67 22.88 20.26
CA VAL A 75 23.04 21.99 19.28
C VAL A 75 21.77 21.38 19.91
N TYR A 76 20.63 21.81 19.36
CA TYR A 76 19.31 21.41 19.82
C TYR A 76 18.67 20.32 18.97
N GLY A 77 17.86 19.49 19.62
CA GLY A 77 17.15 18.41 18.94
C GLY A 77 16.23 17.74 19.97
N GLY A 78 15.25 16.99 19.51
CA GLY A 78 14.30 16.38 20.44
C GLY A 78 14.43 14.87 20.46
N ASP A 79 15.57 14.36 19.98
CA ASP A 79 15.78 12.93 19.89
C ASP A 79 17.21 12.56 20.23
N ASP A 80 17.42 11.61 21.12
CA ASP A 80 18.77 11.16 21.49
C ASP A 80 19.62 10.69 20.32
N ARG A 81 18.98 10.21 19.25
CA ARG A 81 19.73 9.71 18.10
C ARG A 81 20.42 10.81 17.33
N ILE A 82 20.10 12.06 17.63
CA ILE A 82 20.73 13.19 16.96
C ILE A 82 22.16 13.37 17.50
N GLY A 83 23.11 13.47 16.60
CA GLY A 83 24.50 13.61 17.02
C GLY A 83 24.87 15.01 17.49
N ALA A 84 25.84 15.03 18.41
CA ALA A 84 26.41 16.27 18.92
C ALA A 84 25.48 17.20 19.66
N LEU A 85 24.37 16.69 20.20
CA LEU A 85 23.46 17.52 20.95
C LEU A 85 24.12 18.14 22.19
N THR A 86 23.75 19.37 22.51
CA THR A 86 24.18 19.99 23.76
C THR A 86 22.93 20.21 24.62
N HIS A 87 21.79 20.31 23.94
CA HIS A 87 20.51 20.53 24.60
C HIS A 87 19.40 19.69 24.01
N LYS A 88 18.74 18.90 24.84
CA LYS A 88 17.60 18.08 24.36
C LYS A 88 16.35 18.88 24.68
N ILE A 89 15.56 19.18 23.66
CA ILE A 89 14.35 19.96 23.86
C ILE A 89 13.12 19.10 23.59
N THR A 90 11.97 19.65 23.96
CA THR A 90 10.70 18.96 23.83
C THR A 90 9.60 19.93 23.44
N HIS A 91 8.37 19.46 23.49
CA HIS A 91 7.24 20.31 23.09
C HIS A 91 7.21 21.57 23.95
N LEU A 92 7.19 22.71 23.28
CA LEU A 92 7.13 24.03 23.87
C LEU A 92 8.41 24.55 24.48
N SER A 93 9.53 23.86 24.28
CA SER A 93 10.81 24.42 24.73
C SER A 93 11.04 25.73 23.99
N THR A 94 11.64 26.71 24.67
CA THR A 94 11.94 27.98 24.05
C THR A 94 13.43 28.29 24.17
N LEU A 95 13.95 29.05 23.23
CA LEU A 95 15.33 29.49 23.25
C LEU A 95 15.43 30.77 22.41
N GLN A 96 16.61 31.40 22.43
CA GLN A 96 16.82 32.57 21.63
C GLN A 96 18.06 32.42 20.73
N VAL A 97 17.92 33.03 19.56
CA VAL A 97 19.00 33.14 18.58
C VAL A 97 19.15 34.66 18.39
N GLY A 98 20.12 35.24 19.09
CA GLY A 98 20.28 36.70 19.06
C GLY A 98 18.98 37.30 19.58
N SER A 99 18.40 38.23 18.85
CA SER A 99 17.13 38.85 19.21
C SER A 99 15.94 37.96 18.88
N LEU A 100 16.16 36.90 18.12
CA LEU A 100 15.05 36.04 17.70
C LEU A 100 14.55 35.07 18.77
N ASN A 101 13.24 34.82 18.78
CA ASN A 101 12.65 33.87 19.71
C ASN A 101 12.41 32.55 18.96
N VAL A 102 12.72 31.43 19.58
CA VAL A 102 12.50 30.13 18.95
C VAL A 102 11.65 29.27 19.88
N LYS A 103 10.63 28.68 19.29
CA LYS A 103 9.71 27.83 20.03
C LYS A 103 9.70 26.45 19.35
N CYS A 104 9.96 25.45 20.19
CA CYS A 104 10.03 24.07 19.70
C CYS A 104 8.66 23.41 19.74
N LEU A 105 8.29 22.74 18.65
CA LEU A 105 6.99 22.09 18.58
C LEU A 105 7.17 20.61 18.29
N ALA A 106 6.75 19.74 19.21
CA ALA A 106 6.93 18.30 18.96
C ALA A 106 5.88 17.81 17.98
N THR A 107 6.34 17.17 16.91
CA THR A 107 5.47 16.63 15.87
C THR A 107 5.86 15.19 15.56
N PRO A 108 5.71 14.29 16.53
CA PRO A 108 6.06 12.91 16.34
C PRO A 108 5.22 12.24 15.27
N CYS A 109 5.84 11.43 14.43
CA CYS A 109 5.19 10.61 13.44
C CYS A 109 6.25 10.08 12.46
N HIS A 110 6.73 10.97 11.60
CA HIS A 110 7.79 10.64 10.66
C HIS A 110 8.92 10.01 11.48
N THR A 111 9.26 10.68 12.58
CA THR A 111 10.16 10.09 13.57
C THR A 111 9.51 10.40 14.93
N SER A 112 9.83 9.60 15.94
CA SER A 112 9.24 9.88 17.25
C SER A 112 9.77 11.16 17.88
N GLY A 113 11.00 11.55 17.55
CA GLY A 113 11.60 12.74 18.16
C GLY A 113 11.66 13.97 17.28
N HIS A 114 10.85 13.99 16.23
CA HIS A 114 10.82 15.11 15.30
C HIS A 114 10.39 16.40 15.98
N ILE A 115 11.09 17.48 15.66
CA ILE A 115 10.72 18.79 16.20
C ILE A 115 10.64 19.81 15.07
N CYS A 116 9.60 20.64 15.07
CA CYS A 116 9.46 21.75 14.15
C CYS A 116 9.85 23.02 14.92
N TYR A 117 10.57 23.95 14.34
CA TYR A 117 11.03 25.16 15.06
C TYR A 117 10.31 26.40 14.57
N PHE A 118 9.58 27.05 15.46
CA PHE A 118 8.80 28.25 15.15
C PHE A 118 9.63 29.48 15.57
N VAL A 119 10.00 30.26 14.56
CA VAL A 119 10.87 31.41 14.84
C VAL A 119 10.10 32.70 14.62
N SER A 120 10.23 33.62 15.57
CA SER A 120 9.53 34.89 15.45
C SER A 120 10.36 36.02 16.04
N LYS A 121 10.07 37.24 15.60
CA LYS A 121 10.73 38.44 16.11
C LYS A 121 9.70 39.25 16.88
N PRO A 122 9.99 39.59 18.12
CA PRO A 122 9.08 40.32 18.99
C PRO A 122 8.54 41.59 18.36
N GLY A 123 7.28 41.91 18.68
CA GLY A 123 6.66 43.11 18.11
C GLY A 123 6.63 42.88 16.59
N GLY A 124 5.89 41.82 16.23
CA GLY A 124 5.71 41.35 14.90
C GLY A 124 5.70 42.32 13.74
N SER A 125 6.89 42.82 13.36
CA SER A 125 7.00 43.70 12.21
C SER A 125 7.24 42.84 10.98
N GLU A 126 7.11 41.52 11.13
CA GLU A 126 7.28 40.60 10.01
C GLU A 126 6.71 39.23 10.37
N PRO A 127 6.34 38.45 9.36
CA PRO A 127 5.72 37.16 9.54
C PRO A 127 6.69 36.17 10.16
N PRO A 128 6.16 35.25 10.96
CA PRO A 128 7.00 34.24 11.59
C PRO A 128 7.37 33.15 10.61
N ALA A 129 8.23 32.23 11.05
CA ALA A 129 8.68 31.15 10.19
C ALA A 129 8.62 29.82 10.96
N VAL A 130 8.32 28.74 10.25
CA VAL A 130 8.31 27.43 10.91
C VAL A 130 9.13 26.48 10.03
N PHE A 131 10.15 25.88 10.61
CA PHE A 131 11.06 24.92 9.97
C PHE A 131 10.53 23.53 10.30
N THR A 132 9.93 22.88 9.30
CA THR A 132 9.18 21.66 9.47
C THR A 132 9.83 20.34 9.09
N GLY A 133 11.13 20.35 8.75
CA GLY A 133 11.78 19.06 8.47
C GLY A 133 10.98 18.18 7.51
N ASP A 134 10.80 16.92 7.92
CA ASP A 134 10.12 15.94 7.07
C ASP A 134 8.71 15.69 7.60
N THR A 135 8.16 16.65 8.35
CA THR A 135 6.77 16.49 8.83
C THR A 135 5.80 17.11 7.83
N LEU A 136 5.92 18.40 7.60
CA LEU A 136 5.13 19.12 6.60
C LEU A 136 5.98 19.54 5.42
N PHE A 137 5.64 19.14 4.19
CA PHE A 137 6.34 19.61 3.01
C PHE A 137 5.40 20.58 2.26
N VAL A 138 5.91 21.29 1.25
CA VAL A 138 4.99 22.11 0.44
C VAL A 138 4.13 21.13 -0.34
N ALA A 139 2.84 21.10 -0.04
CA ALA A 139 1.84 20.21 -0.62
C ALA A 139 2.02 18.76 -0.25
N GLY A 140 2.81 18.44 0.79
CA GLY A 140 2.98 17.03 1.13
C GLY A 140 3.28 16.82 2.60
N CYS A 141 3.75 15.60 2.92
CA CYS A 141 4.14 15.31 4.30
C CYS A 141 5.12 14.13 4.27
N GLY A 142 5.76 13.87 5.41
CA GLY A 142 6.72 12.77 5.44
C GLY A 142 6.04 11.43 5.64
N LYS A 143 6.77 10.38 5.24
CA LYS A 143 6.28 9.02 5.45
C LYS A 143 6.21 8.75 6.94
N PHE A 144 5.28 7.87 7.32
CA PHE A 144 5.02 7.62 8.74
C PHE A 144 5.95 6.53 9.25
N TYR A 145 7.27 6.77 9.21
CA TYR A 145 8.17 5.70 9.62
C TYR A 145 8.06 5.26 11.07
N GLU A 146 7.80 6.16 12.00
CA GLU A 146 7.75 5.83 13.43
C GLU A 146 6.46 6.26 14.10
N GLY A 147 5.36 6.33 13.34
CA GLY A 147 4.12 6.79 13.98
C GLY A 147 2.87 6.48 13.18
N THR A 148 1.75 7.04 13.61
CA THR A 148 0.45 6.73 13.04
C THR A 148 -0.27 7.90 12.39
N ALA A 149 -1.38 7.56 11.72
CA ALA A 149 -2.16 8.62 11.05
C ALA A 149 -2.73 9.60 12.07
N ASP A 150 -3.11 9.09 13.25
CA ASP A 150 -3.60 9.99 14.30
C ASP A 150 -2.54 11.03 14.63
N GLU A 151 -1.28 10.55 14.73
CA GLU A 151 -0.17 11.43 15.05
C GLU A 151 0.09 12.48 13.98
N MET A 152 0.05 12.10 12.71
CA MET A 152 0.28 13.10 11.66
C MET A 152 -0.90 14.07 11.61
N CYS A 153 -2.10 13.57 11.90
CA CYS A 153 -3.28 14.46 11.90
C CYS A 153 -3.05 15.55 12.94
N LYS A 154 -2.62 15.14 14.13
CA LYS A 154 -2.41 16.13 15.19
C LYS A 154 -1.30 17.10 14.84
N ALA A 155 -0.18 16.54 14.38
CA ALA A 155 0.99 17.35 14.03
C ALA A 155 0.61 18.40 12.99
N LEU A 156 -0.12 17.97 11.96
CA LEU A 156 -0.45 18.92 10.89
C LEU A 156 -1.60 19.88 11.12
N LEU A 157 -2.71 19.40 11.67
CA LEU A 157 -3.89 20.25 11.83
C LEU A 157 -3.91 20.97 13.17
N GLU A 158 -3.39 20.37 14.23
CA GLU A 158 -3.46 20.99 15.55
C GLU A 158 -2.18 21.68 15.98
N VAL A 159 -1.02 21.06 15.81
CA VAL A 159 0.22 21.68 16.22
C VAL A 159 0.69 22.72 15.21
N LEU A 160 0.90 22.32 13.96
CA LEU A 160 1.31 23.32 12.97
C LEU A 160 0.12 24.14 12.46
N GLY A 161 -1.01 23.48 12.28
CA GLY A 161 -2.21 24.06 11.70
C GLY A 161 -2.74 25.28 12.45
N ARG A 162 -2.42 25.36 13.74
CA ARG A 162 -2.94 26.43 14.57
C ARG A 162 -1.99 27.61 14.73
N LEU A 163 -0.89 27.58 14.01
CA LEU A 163 0.06 28.69 14.02
C LEU A 163 -0.55 29.78 13.15
N PRO A 164 -0.04 31.00 13.23
CA PRO A 164 -0.57 32.08 12.41
C PRO A 164 -0.57 31.69 10.94
N PRO A 165 -1.66 31.95 10.23
CA PRO A 165 -1.81 31.64 8.83
C PRO A 165 -0.72 32.20 7.92
N ASP A 166 -0.08 33.31 8.28
CA ASP A 166 0.97 33.88 7.44
C ASP A 166 2.34 33.28 7.75
N THR A 167 2.41 32.35 8.69
CA THR A 167 3.69 31.73 9.01
C THR A 167 4.29 31.16 7.71
N ARG A 168 5.55 31.43 7.48
CA ARG A 168 6.27 30.89 6.33
C ARG A 168 6.67 29.43 6.61
N VAL A 169 6.49 28.55 5.64
CA VAL A 169 6.83 27.14 5.84
C VAL A 169 8.14 26.79 5.12
N TYR A 170 9.16 26.39 5.86
CA TYR A 170 10.46 26.01 5.32
C TYR A 170 10.75 24.55 5.68
N CYS A 171 10.45 23.67 4.73
CA CYS A 171 10.50 22.23 4.89
C CYS A 171 11.82 21.59 4.49
N GLY A 172 11.99 20.30 4.78
CA GLY A 172 13.25 19.61 4.58
C GLY A 172 13.69 19.35 3.16
N HIS A 173 12.74 19.17 2.25
CA HIS A 173 13.08 18.82 0.88
C HIS A 173 12.35 19.57 -0.21
N GLU A 174 12.92 19.48 -1.40
CA GLU A 174 12.31 20.02 -2.61
C GLU A 174 11.51 18.89 -3.29
N TYR A 175 10.33 18.62 -2.78
CA TYR A 175 9.44 17.59 -3.29
C TYR A 175 8.14 18.17 -3.84
N THR A 176 8.07 19.48 -3.99
CA THR A 176 6.83 20.16 -4.35
C THR A 176 6.14 19.71 -5.62
N ILE A 177 6.87 19.65 -6.75
CA ILE A 177 6.23 19.21 -7.99
C ILE A 177 5.56 17.84 -7.85
N ASN A 178 6.29 16.88 -7.30
CA ASN A 178 5.72 15.53 -7.16
C ASN A 178 4.57 15.54 -6.17
N ASN A 179 4.71 16.34 -5.13
CA ASN A 179 3.64 16.42 -4.12
C ASN A 179 2.35 16.91 -4.77
N LEU A 180 2.46 17.96 -5.57
CA LEU A 180 1.28 18.53 -6.24
C LEU A 180 0.72 17.61 -7.32
N LYS A 181 1.56 16.80 -7.95
CA LYS A 181 1.05 15.86 -8.96
C LYS A 181 0.18 14.83 -8.23
N PHE A 182 0.63 14.39 -7.05
CA PHE A 182 -0.20 13.48 -6.26
C PHE A 182 -1.45 14.21 -5.76
N ALA A 183 -1.32 15.46 -5.34
CA ALA A 183 -2.45 16.24 -4.85
C ALA A 183 -3.50 16.42 -5.95
N ARG A 184 -3.03 16.67 -7.15
CA ARG A 184 -3.92 16.83 -8.30
C ARG A 184 -4.77 15.59 -8.51
N HIS A 185 -4.16 14.42 -8.30
CA HIS A 185 -4.88 13.16 -8.46
C HIS A 185 -5.94 13.00 -7.38
N VAL A 186 -5.63 13.45 -6.16
CA VAL A 186 -6.61 13.36 -5.07
C VAL A 186 -7.78 14.31 -5.28
N GLU A 187 -7.50 15.52 -5.74
CA GLU A 187 -8.50 16.54 -5.99
C GLU A 187 -8.29 17.16 -7.37
N PRO A 188 -8.79 16.49 -8.40
CA PRO A 188 -8.67 16.96 -9.75
C PRO A 188 -9.40 18.27 -10.03
N GLY A 189 -10.34 18.67 -9.19
CA GLY A 189 -11.10 19.90 -9.36
C GLY A 189 -10.57 21.07 -8.56
N ASN A 190 -9.48 20.88 -7.82
CA ASN A 190 -8.88 21.94 -7.02
C ASN A 190 -7.98 22.86 -7.83
N ALA A 191 -8.41 24.11 -8.01
CA ALA A 191 -7.60 25.01 -8.84
C ALA A 191 -6.31 25.46 -8.18
N ALA A 192 -6.32 25.57 -6.85
CA ALA A 192 -5.10 25.98 -6.15
C ALA A 192 -3.97 25.00 -6.43
N ILE A 193 -4.28 23.71 -6.59
CA ILE A 193 -3.27 22.70 -6.82
C ILE A 193 -2.65 22.86 -8.21
N ARG A 194 -3.55 22.97 -9.21
CA ARG A 194 -3.01 23.08 -10.58
C ARG A 194 -2.26 24.38 -10.75
N GLU A 195 -2.69 25.45 -10.09
CA GLU A 195 -1.96 26.73 -10.20
C GLU A 195 -0.60 26.63 -9.53
N LYS A 196 -0.56 25.98 -8.36
CA LYS A 196 0.72 25.88 -7.64
C LYS A 196 1.66 24.95 -8.40
N LEU A 197 1.12 23.91 -9.03
CA LEU A 197 1.94 22.98 -9.81
C LEU A 197 2.61 23.70 -10.98
N ALA A 198 1.84 24.51 -11.71
CA ALA A 198 2.38 25.24 -12.86
C ALA A 198 3.51 26.15 -12.39
N TRP A 199 3.29 26.82 -11.27
CA TRP A 199 4.29 27.71 -10.69
C TRP A 199 5.52 26.96 -10.22
N ALA A 200 5.32 25.79 -9.59
CA ALA A 200 6.43 24.98 -9.09
C ALA A 200 7.31 24.51 -10.24
N LYS A 201 6.69 24.09 -11.34
CA LYS A 201 7.42 23.66 -12.53
C LYS A 201 8.30 24.79 -13.05
N GLU A 202 7.77 26.02 -13.04
CA GLU A 202 8.57 27.16 -13.49
C GLU A 202 9.71 27.47 -12.53
N LYS A 203 9.47 27.41 -11.21
CA LYS A 203 10.56 27.65 -10.26
C LYS A 203 11.68 26.62 -10.45
N TYR A 204 11.30 25.36 -10.68
CA TYR A 204 12.25 24.28 -10.91
C TYR A 204 13.11 24.57 -12.15
N SER A 205 12.46 25.07 -13.18
CA SER A 205 13.14 25.43 -14.43
C SER A 205 14.20 26.50 -14.24
N ILE A 206 13.96 27.49 -13.40
CA ILE A 206 14.93 28.57 -13.20
C ILE A 206 15.83 28.34 -11.99
N GLY A 207 15.77 27.18 -11.37
CA GLY A 207 16.62 26.83 -10.27
C GLY A 207 16.28 27.58 -8.98
N GLU A 208 15.01 27.88 -8.75
CA GLU A 208 14.65 28.58 -7.51
C GLU A 208 13.85 27.63 -6.63
N PRO A 209 14.11 27.68 -5.33
CA PRO A 209 13.42 26.81 -4.39
C PRO A 209 11.94 27.13 -4.34
N THR A 210 11.09 26.17 -3.99
CA THR A 210 9.66 26.42 -3.86
C THR A 210 9.28 26.83 -2.45
N VAL A 211 10.27 26.93 -1.56
CA VAL A 211 10.04 27.39 -0.20
C VAL A 211 10.41 28.87 -0.13
N PRO A 212 9.78 29.57 0.80
CA PRO A 212 8.77 29.01 1.68
C PRO A 212 7.35 29.16 1.14
N SER A 213 6.41 28.36 1.63
CA SER A 213 4.99 28.54 1.31
C SER A 213 4.42 29.20 2.57
N THR A 214 3.12 29.35 2.72
CA THR A 214 2.57 29.83 4.00
C THR A 214 1.58 28.75 4.49
N LEU A 215 1.26 28.72 5.78
CA LEU A 215 0.31 27.70 6.25
C LEU A 215 -1.03 27.89 5.56
N ALA A 216 -1.42 29.16 5.36
CA ALA A 216 -2.70 29.43 4.69
C ALA A 216 -2.69 28.77 3.31
N GLU A 217 -1.60 28.90 2.56
CA GLU A 217 -1.54 28.26 1.24
C GLU A 217 -1.64 26.73 1.34
N GLU A 218 -0.91 26.16 2.31
CA GLU A 218 -0.94 24.71 2.47
C GLU A 218 -2.37 24.21 2.66
N PHE A 219 -3.18 25.00 3.36
CA PHE A 219 -4.57 24.58 3.56
C PHE A 219 -5.38 24.59 2.28
N THR A 220 -4.89 25.23 1.21
CA THR A 220 -5.63 25.25 -0.04
C THR A 220 -5.20 24.14 -1.01
N TYR A 221 -4.03 23.52 -0.82
CA TYR A 221 -3.61 22.53 -1.81
C TYR A 221 -2.93 21.28 -1.30
N ASN A 222 -2.70 21.17 0.01
CA ASN A 222 -1.96 19.99 0.52
C ASN A 222 -2.99 18.97 1.00
N PRO A 223 -3.03 17.81 0.34
CA PRO A 223 -4.01 16.81 0.69
C PRO A 223 -3.92 16.39 2.14
N PHE A 224 -2.71 16.37 2.70
CA PHE A 224 -2.57 15.95 4.10
C PHE A 224 -3.12 17.00 5.05
N MET A 225 -2.99 18.28 4.69
CA MET A 225 -3.58 19.32 5.50
C MET A 225 -5.09 19.41 5.26
N ARG A 226 -5.57 18.84 4.16
CA ARG A 226 -6.99 18.91 3.80
C ARG A 226 -7.80 17.66 4.10
N VAL A 227 -7.35 16.85 5.07
CA VAL A 227 -8.08 15.62 5.41
C VAL A 227 -9.47 15.86 6.00
N ARG A 228 -9.84 17.08 6.31
CA ARG A 228 -11.19 17.39 6.78
C ARG A 228 -12.10 17.77 5.61
N GLU A 229 -11.53 17.93 4.40
CA GLU A 229 -12.32 18.33 3.25
C GLU A 229 -13.13 17.18 2.65
N LYS A 230 -14.38 17.44 2.28
CA LYS A 230 -15.20 16.38 1.70
C LYS A 230 -14.59 15.78 0.44
N THR A 231 -13.96 16.61 -0.40
CA THR A 231 -13.35 16.06 -1.62
C THR A 231 -12.25 15.04 -1.31
N VAL A 232 -11.40 15.33 -0.33
CA VAL A 232 -10.30 14.41 0.01
C VAL A 232 -10.84 13.14 0.64
N GLN A 233 -11.81 13.27 1.55
CA GLN A 233 -12.42 12.10 2.19
C GLN A 233 -13.11 11.24 1.13
N GLN A 234 -13.78 11.89 0.16
CA GLN A 234 -14.44 11.09 -0.87
C GLN A 234 -13.42 10.31 -1.67
N HIS A 235 -12.29 10.93 -2.02
CA HIS A 235 -11.24 10.21 -2.75
C HIS A 235 -10.82 8.96 -2.01
N ALA A 236 -10.61 9.07 -0.70
CA ALA A 236 -10.18 7.96 0.15
C ALA A 236 -11.30 7.00 0.52
N GLY A 237 -12.55 7.37 0.33
CA GLY A 237 -13.68 6.53 0.70
C GLY A 237 -13.89 6.55 2.23
N GLU A 238 -13.49 7.64 2.90
CA GLU A 238 -13.67 7.69 4.35
C GLU A 238 -14.52 8.90 4.74
N THR A 239 -14.87 9.00 6.02
CA THR A 239 -15.67 10.13 6.50
C THR A 239 -15.13 10.75 7.76
N ASP A 240 -13.83 10.60 8.03
CA ASP A 240 -13.21 11.24 9.19
C ASP A 240 -11.75 11.52 8.81
N PRO A 241 -11.13 12.54 9.39
CA PRO A 241 -9.80 12.95 9.01
C PRO A 241 -8.68 11.95 9.31
N VAL A 242 -8.81 11.19 10.40
CA VAL A 242 -7.76 10.23 10.75
C VAL A 242 -7.70 9.05 9.80
N THR A 243 -8.84 8.44 9.47
CA THR A 243 -8.81 7.32 8.53
C THR A 243 -8.50 7.88 7.13
N THR A 244 -8.92 9.14 6.89
CA THR A 244 -8.57 9.73 5.58
C THR A 244 -7.06 9.90 5.45
N MET A 245 -6.46 10.40 6.52
CA MET A 245 -5.01 10.60 6.59
C MET A 245 -4.31 9.28 6.31
N ARG A 246 -4.71 8.23 7.02
CA ARG A 246 -4.09 6.91 6.84
C ARG A 246 -4.21 6.46 5.39
N ALA A 247 -5.40 6.59 4.82
CA ALA A 247 -5.64 6.12 3.46
C ALA A 247 -4.88 6.94 2.40
N VAL A 248 -4.86 8.25 2.56
CA VAL A 248 -4.16 9.13 1.62
C VAL A 248 -2.66 8.87 1.70
N ARG A 249 -2.11 8.67 2.89
CA ARG A 249 -0.66 8.42 3.00
C ARG A 249 -0.29 7.06 2.41
N ARG A 250 -1.11 6.05 2.71
CA ARG A 250 -0.83 4.72 2.13
C ARG A 250 -0.87 4.77 0.62
N GLU A 251 -1.82 5.54 0.09
CA GLU A 251 -1.95 5.64 -1.36
C GLU A 251 -0.75 6.33 -1.99
N LYS A 252 -0.32 7.42 -1.37
CA LYS A 252 0.83 8.16 -1.92
C LYS A 252 2.08 7.27 -1.88
N ASP A 253 2.21 6.47 -0.83
CA ASP A 253 3.37 5.59 -0.70
C ASP A 253 3.57 4.73 -1.94
N GLN A 254 2.47 4.31 -2.55
CA GLN A 254 2.57 3.44 -3.73
C GLN A 254 2.12 4.11 -5.01
N PHE A 255 2.00 5.43 -5.01
CA PHE A 255 1.60 6.20 -6.18
C PHE A 255 2.66 6.27 -7.27
N LYS A 256 2.24 6.03 -8.50
CA LYS A 256 3.15 6.11 -9.64
C LYS A 256 3.12 7.52 -10.22
N MET A 257 4.20 8.29 -10.07
CA MET A 257 4.27 9.65 -10.53
C MET A 257 4.21 9.81 -12.04
N PRO A 258 3.23 10.55 -12.52
CA PRO A 258 3.08 10.81 -13.95
C PRO A 258 4.17 11.75 -14.43
N ARG A 259 4.48 11.72 -15.71
CA ARG A 259 5.53 12.58 -16.28
C ARG A 259 5.24 14.07 -16.26
N ASP A 260 3.99 14.49 -16.22
CA ASP A 260 3.62 15.89 -16.17
C ASP A 260 2.50 16.08 -15.15
N MET B 1 -17.67 -37.32 -14.03
CA MET B 1 -17.07 -36.52 -12.93
C MET B 1 -18.14 -35.74 -12.19
N LYS B 2 -18.03 -35.71 -10.87
CA LYS B 2 -18.92 -34.92 -10.01
C LYS B 2 -18.03 -34.07 -9.10
N VAL B 3 -18.40 -32.82 -8.85
CA VAL B 3 -17.62 -32.00 -7.92
C VAL B 3 -18.61 -31.53 -6.86
N GLU B 4 -18.43 -31.91 -5.60
CA GLU B 4 -19.35 -31.49 -4.56
C GLU B 4 -18.70 -30.32 -3.81
N VAL B 5 -19.44 -29.22 -3.71
CA VAL B 5 -18.91 -28.05 -3.02
C VAL B 5 -19.22 -28.14 -1.54
N LEU B 6 -18.19 -28.05 -0.71
CA LEU B 6 -18.31 -28.18 0.72
C LEU B 6 -17.82 -26.95 1.48
N PRO B 7 -18.74 -26.12 1.94
CA PRO B 7 -18.38 -24.94 2.70
C PRO B 7 -17.65 -25.35 3.96
N ALA B 8 -16.71 -24.49 4.36
CA ALA B 8 -15.89 -24.72 5.54
C ALA B 8 -15.56 -23.37 6.16
N LEU B 9 -15.26 -23.44 7.46
CA LEU B 9 -14.92 -22.23 8.21
C LEU B 9 -15.93 -21.14 7.94
N THR B 10 -15.49 -19.90 7.75
CA THR B 10 -16.39 -18.80 7.49
C THR B 10 -16.75 -18.63 6.02
N ASP B 11 -15.75 -18.79 5.14
CA ASP B 11 -16.04 -18.57 3.71
C ASP B 11 -15.11 -19.35 2.80
N ASN B 12 -14.64 -20.51 3.32
CA ASN B 12 -13.81 -21.39 2.53
C ASN B 12 -14.67 -22.43 1.82
N TYR B 13 -14.12 -22.94 0.72
CA TYR B 13 -14.76 -24.05 0.03
C TYR B 13 -13.76 -25.20 -0.13
N MET B 14 -14.17 -26.38 0.26
CA MET B 14 -13.44 -27.60 0.03
C MET B 14 -14.17 -28.28 -1.13
N TYR B 15 -13.50 -29.14 -1.88
CA TYR B 15 -14.16 -29.75 -3.03
C TYR B 15 -13.91 -31.26 -3.07
N LEU B 16 -15.00 -32.01 -3.06
CA LEU B 16 -14.92 -33.47 -3.13
C LEU B 16 -15.04 -33.79 -4.63
N VAL B 17 -13.97 -34.31 -5.21
CA VAL B 17 -13.93 -34.54 -6.65
C VAL B 17 -14.16 -36.03 -6.84
N ILE B 18 -15.28 -36.39 -7.47
CA ILE B 18 -15.57 -37.82 -7.61
C ILE B 18 -15.42 -38.39 -9.01
N ASP B 19 -14.74 -39.55 -9.11
CA ASP B 19 -14.67 -40.26 -10.38
C ASP B 19 -15.90 -41.18 -10.44
N ASP B 20 -16.83 -40.91 -11.33
CA ASP B 20 -18.04 -41.75 -11.41
C ASP B 20 -17.67 -43.18 -11.75
N GLU B 21 -16.76 -43.33 -12.71
CA GLU B 21 -16.35 -44.65 -13.18
C GLU B 21 -15.91 -45.59 -12.06
N THR B 22 -14.98 -45.15 -11.22
CA THR B 22 -14.44 -45.96 -10.15
C THR B 22 -14.99 -45.65 -8.77
N LYS B 23 -15.71 -44.55 -8.56
CA LYS B 23 -16.16 -44.21 -7.22
C LYS B 23 -14.98 -43.74 -6.36
N GLU B 24 -13.82 -43.51 -7.00
CA GLU B 24 -12.69 -43.01 -6.18
C GLU B 24 -12.84 -41.50 -6.12
N ALA B 25 -12.39 -40.88 -5.04
CA ALA B 25 -12.53 -39.43 -4.95
C ALA B 25 -11.28 -38.77 -4.36
N ALA B 26 -11.14 -37.49 -4.71
CA ALA B 26 -10.07 -36.66 -4.15
C ALA B 26 -10.74 -35.53 -3.37
N ILE B 27 -10.07 -34.99 -2.37
CA ILE B 27 -10.61 -33.87 -1.59
C ILE B 27 -9.65 -32.68 -1.74
N VAL B 28 -10.19 -31.54 -2.17
CA VAL B 28 -9.34 -30.36 -2.32
C VAL B 28 -9.40 -29.54 -1.04
N ASP B 29 -8.27 -29.27 -0.41
CA ASP B 29 -8.18 -28.42 0.78
C ASP B 29 -9.10 -28.79 1.93
N PRO B 30 -8.88 -29.95 2.55
CA PRO B 30 -9.78 -30.50 3.56
C PRO B 30 -9.63 -30.00 4.98
N VAL B 31 -9.82 -28.69 5.17
CA VAL B 31 -9.60 -28.06 6.46
C VAL B 31 -10.54 -28.57 7.55
N GLN B 32 -11.72 -29.08 7.21
CA GLN B 32 -12.65 -29.65 8.19
C GLN B 32 -12.91 -31.09 7.79
N PRO B 33 -12.01 -31.99 8.20
CA PRO B 33 -12.01 -33.38 7.81
C PRO B 33 -13.24 -34.21 8.12
N GLN B 34 -13.88 -34.00 9.26
CA GLN B 34 -15.06 -34.84 9.55
C GLN B 34 -16.11 -34.52 8.48
N LYS B 35 -16.12 -33.26 8.07
CA LYS B 35 -17.08 -32.82 7.05
C LYS B 35 -16.79 -33.52 5.73
N VAL B 36 -15.51 -33.75 5.44
CA VAL B 36 -15.10 -34.43 4.23
C VAL B 36 -15.49 -35.90 4.25
N VAL B 37 -15.22 -36.51 5.40
CA VAL B 37 -15.54 -37.93 5.61
C VAL B 37 -17.05 -38.13 5.54
N ASP B 38 -17.83 -37.22 6.13
CA ASP B 38 -19.28 -37.32 6.05
C ASP B 38 -19.76 -37.21 4.60
N ALA B 39 -19.22 -36.23 3.87
CA ALA B 39 -19.63 -36.08 2.47
C ALA B 39 -19.23 -37.32 1.68
N ALA B 40 -18.07 -37.88 1.99
CA ALA B 40 -17.60 -39.05 1.25
C ALA B 40 -18.54 -40.23 1.50
N ARG B 41 -18.93 -40.38 2.76
CA ARG B 41 -19.89 -41.45 3.11
C ARG B 41 -21.22 -41.22 2.44
N LYS B 42 -21.72 -39.98 2.54
CA LYS B 42 -22.99 -39.61 1.92
C LYS B 42 -23.07 -39.92 0.45
N HIS B 43 -21.98 -39.74 -0.29
CA HIS B 43 -21.96 -40.02 -1.72
C HIS B 43 -21.48 -41.43 -2.04
N GLY B 44 -21.16 -42.19 -1.00
CA GLY B 44 -20.68 -43.56 -1.18
C GLY B 44 -19.41 -43.65 -2.01
N VAL B 45 -18.42 -42.78 -1.75
CA VAL B 45 -17.19 -42.85 -2.53
C VAL B 45 -15.98 -43.21 -1.66
N LYS B 46 -14.90 -43.60 -2.34
CA LYS B 46 -13.69 -43.97 -1.62
C LYS B 46 -12.62 -42.88 -1.75
N LEU B 47 -12.39 -42.16 -0.66
CA LEU B 47 -11.40 -41.08 -0.66
C LEU B 47 -9.99 -41.63 -0.75
N THR B 48 -9.23 -41.31 -1.79
CA THR B 48 -7.87 -41.83 -1.89
C THR B 48 -6.78 -40.74 -1.95
N THR B 49 -7.23 -39.53 -2.26
CA THR B 49 -6.29 -38.46 -2.53
C THR B 49 -6.66 -37.10 -1.96
N VAL B 50 -5.63 -36.40 -1.52
CA VAL B 50 -5.80 -35.02 -1.05
C VAL B 50 -5.04 -34.11 -2.02
N LEU B 51 -5.72 -33.06 -2.49
CA LEU B 51 -5.07 -32.09 -3.38
C LEU B 51 -5.04 -30.75 -2.64
N THR B 52 -3.85 -30.32 -2.23
CA THR B 52 -3.70 -29.11 -1.45
C THR B 52 -3.26 -27.94 -2.32
N THR B 53 -4.06 -26.88 -2.39
CA THR B 53 -3.71 -25.76 -3.28
C THR B 53 -2.54 -24.97 -2.72
N HIS B 54 -2.51 -24.74 -1.41
CA HIS B 54 -1.38 -24.03 -0.82
C HIS B 54 -1.29 -24.33 0.68
N HIS B 55 -0.22 -23.86 1.33
CA HIS B 55 0.02 -24.15 2.73
C HIS B 55 -0.77 -23.37 3.75
N HIS B 56 -1.45 -22.29 3.34
CA HIS B 56 -2.25 -21.52 4.29
C HIS B 56 -3.17 -22.46 5.09
N TRP B 57 -3.17 -22.27 6.40
CA TRP B 57 -3.93 -23.16 7.29
C TRP B 57 -5.37 -23.41 6.89
N ASP B 58 -6.10 -22.41 6.41
CA ASP B 58 -7.47 -22.55 5.99
C ASP B 58 -7.63 -23.50 4.81
N HIS B 59 -6.52 -23.91 4.20
CA HIS B 59 -6.55 -24.83 3.09
C HIS B 59 -5.92 -26.18 3.45
N ALA B 60 -4.76 -26.18 4.10
CA ALA B 60 -4.02 -27.39 4.44
C ALA B 60 -4.10 -27.83 5.89
N GLY B 61 -4.69 -27.03 6.76
CA GLY B 61 -4.78 -27.27 8.18
C GLY B 61 -5.47 -28.55 8.63
N GLY B 62 -6.20 -29.20 7.74
CA GLY B 62 -6.92 -30.43 8.15
C GLY B 62 -6.20 -31.67 7.66
N ASN B 63 -5.12 -31.51 6.92
CA ASN B 63 -4.42 -32.65 6.37
C ASN B 63 -3.96 -33.64 7.46
N GLU B 64 -3.31 -33.17 8.51
CA GLU B 64 -2.84 -34.10 9.55
C GLU B 64 -3.99 -34.97 10.06
N LYS B 65 -5.09 -34.34 10.43
CA LYS B 65 -6.23 -35.04 10.99
C LYS B 65 -6.88 -36.00 10.01
N LEU B 66 -7.16 -35.54 8.78
CA LEU B 66 -7.77 -36.40 7.79
C LEU B 66 -6.95 -37.67 7.57
N VAL B 67 -5.63 -37.54 7.64
CA VAL B 67 -4.75 -38.68 7.42
C VAL B 67 -4.85 -39.66 8.58
N LYS B 68 -5.30 -39.20 9.74
CA LYS B 68 -5.50 -40.07 10.90
C LYS B 68 -6.89 -40.68 10.85
N LEU B 69 -7.80 -40.04 10.11
CA LEU B 69 -9.15 -40.59 10.00
C LEU B 69 -9.24 -41.61 8.88
N GLU B 70 -8.49 -41.36 7.81
CA GLU B 70 -8.48 -42.23 6.65
C GLU B 70 -7.06 -42.68 6.33
N SER B 71 -6.85 -43.99 6.30
CA SER B 71 -5.55 -44.55 5.97
C SER B 71 -5.46 -44.70 4.46
N GLY B 72 -4.27 -44.75 3.91
CA GLY B 72 -4.07 -44.93 2.48
C GLY B 72 -4.07 -43.65 1.66
N LEU B 73 -4.38 -42.51 2.28
CA LEU B 73 -4.44 -41.24 1.56
C LEU B 73 -3.11 -40.75 1.02
N LYS B 74 -3.10 -40.31 -0.24
CA LYS B 74 -1.92 -39.70 -0.83
C LYS B 74 -2.12 -38.18 -0.75
N VAL B 75 -1.26 -37.46 -0.05
CA VAL B 75 -1.42 -36.02 0.15
C VAL B 75 -0.51 -35.25 -0.79
N TYR B 76 -1.11 -34.62 -1.81
CA TYR B 76 -0.39 -33.84 -2.80
C TYR B 76 -0.31 -32.36 -2.48
N GLY B 77 0.78 -31.71 -2.94
CA GLY B 77 0.96 -30.28 -2.68
C GLY B 77 2.31 -29.85 -3.29
N GLY B 78 2.50 -28.56 -3.50
CA GLY B 78 3.77 -28.13 -4.13
C GLY B 78 4.58 -27.28 -3.15
N ASP B 79 4.38 -27.53 -1.86
CA ASP B 79 5.07 -26.71 -0.85
C ASP B 79 5.40 -27.51 0.40
N ASP B 80 6.67 -27.54 0.80
CA ASP B 80 7.06 -28.26 2.00
C ASP B 80 6.38 -27.77 3.26
N ARG B 81 5.70 -26.62 3.24
CA ARG B 81 5.04 -26.18 4.47
C ARG B 81 3.69 -26.86 4.69
N ILE B 82 3.24 -27.63 3.69
CA ILE B 82 1.92 -28.26 3.79
C ILE B 82 1.95 -29.46 4.72
N GLY B 83 1.12 -29.46 5.76
CA GLY B 83 1.14 -30.60 6.68
C GLY B 83 0.78 -31.91 6.00
N ALA B 84 1.28 -33.00 6.56
CA ALA B 84 1.05 -34.38 6.16
C ALA B 84 1.29 -34.69 4.70
N LEU B 85 2.07 -33.84 4.05
CA LEU B 85 2.43 -34.00 2.66
C LEU B 85 3.12 -35.32 2.39
N THR B 86 2.65 -36.06 1.38
CA THR B 86 3.30 -37.33 1.03
C THR B 86 3.92 -37.26 -0.35
N HIS B 87 3.27 -36.51 -1.24
CA HIS B 87 3.69 -36.39 -2.63
C HIS B 87 3.91 -34.93 -3.02
N LYS B 88 5.17 -34.50 -2.93
CA LYS B 88 5.51 -33.12 -3.31
C LYS B 88 5.48 -33.05 -4.83
N ILE B 89 4.64 -32.16 -5.40
CA ILE B 89 4.55 -32.10 -6.86
C ILE B 89 4.93 -30.72 -7.37
N THR B 90 5.11 -30.61 -8.68
CA THR B 90 5.53 -29.34 -9.29
C THR B 90 4.76 -29.05 -10.57
N HIS B 91 5.16 -27.96 -11.25
CA HIS B 91 4.49 -27.57 -12.49
C HIS B 91 4.46 -28.75 -13.45
N LEU B 92 3.29 -29.04 -13.98
CA LEU B 92 3.07 -30.10 -14.94
C LEU B 92 3.12 -31.52 -14.36
N SER B 93 3.25 -31.71 -13.06
CA SER B 93 3.16 -33.07 -12.53
C SER B 93 1.72 -33.53 -12.81
N THR B 94 1.55 -34.82 -13.01
CA THR B 94 0.26 -35.42 -13.29
C THR B 94 0.04 -36.61 -12.36
N LEU B 95 -1.22 -36.88 -12.06
CA LEU B 95 -1.61 -38.00 -11.23
C LEU B 95 -3.01 -38.42 -11.69
N GLN B 96 -3.50 -39.54 -11.19
CA GLN B 96 -4.82 -39.99 -11.59
C GLN B 96 -5.69 -40.23 -10.35
N VAL B 97 -6.96 -39.89 -10.51
CA VAL B 97 -7.97 -40.16 -9.48
C VAL B 97 -8.97 -41.07 -10.18
N GLY B 98 -8.70 -42.37 -10.03
CA GLY B 98 -9.55 -43.36 -10.73
C GLY B 98 -9.32 -43.13 -12.22
N SER B 99 -10.38 -42.90 -12.98
CA SER B 99 -10.20 -42.65 -14.40
C SER B 99 -9.86 -41.20 -14.69
N LEU B 100 -10.01 -40.32 -13.70
CA LEU B 100 -9.75 -38.90 -13.91
C LEU B 100 -8.25 -38.58 -13.97
N ASN B 101 -7.91 -37.67 -14.86
CA ASN B 101 -6.56 -37.18 -15.04
C ASN B 101 -6.43 -35.83 -14.34
N VAL B 102 -5.39 -35.69 -13.53
CA VAL B 102 -5.14 -34.44 -12.81
C VAL B 102 -3.78 -33.90 -13.25
N LYS B 103 -3.79 -32.64 -13.67
CA LYS B 103 -2.58 -31.96 -14.08
C LYS B 103 -2.34 -30.80 -13.11
N CYS B 104 -1.17 -30.80 -12.51
CA CYS B 104 -0.77 -29.79 -11.53
C CYS B 104 -0.17 -28.58 -12.23
N LEU B 105 -0.73 -27.41 -11.91
CA LEU B 105 -0.27 -26.17 -12.53
C LEU B 105 0.28 -25.23 -11.45
N ALA B 106 1.57 -24.94 -11.54
CA ALA B 106 2.19 -24.07 -10.55
C ALA B 106 1.77 -22.64 -10.86
N THR B 107 1.23 -21.95 -9.88
CA THR B 107 0.78 -20.57 -10.04
C THR B 107 1.28 -19.78 -8.85
N PRO B 108 2.60 -19.64 -8.73
CA PRO B 108 3.19 -18.93 -7.60
C PRO B 108 2.81 -17.46 -7.59
N CYS B 109 2.43 -16.89 -6.47
CA CYS B 109 2.19 -15.48 -6.28
C CYS B 109 1.60 -15.32 -4.87
N HIS B 110 0.33 -15.68 -4.75
CA HIS B 110 -0.36 -15.61 -3.46
C HIS B 110 0.54 -16.29 -2.42
N THR B 111 1.01 -17.48 -2.80
CA THR B 111 2.06 -18.17 -2.06
C THR B 111 3.00 -18.71 -3.15
N SER B 112 4.27 -18.92 -2.80
CA SER B 112 5.22 -19.39 -3.81
C SER B 112 4.98 -20.85 -4.14
N GLY B 113 4.30 -21.58 -3.26
CA GLY B 113 4.07 -23.01 -3.50
C GLY B 113 2.66 -23.30 -4.00
N HIS B 114 1.92 -22.30 -4.45
CA HIS B 114 0.54 -22.52 -4.89
C HIS B 114 0.45 -23.39 -6.12
N ILE B 115 -0.46 -24.38 -6.03
CA ILE B 115 -0.73 -25.26 -7.14
C ILE B 115 -2.21 -25.23 -7.50
N CYS B 116 -2.56 -25.11 -8.77
CA CYS B 116 -3.96 -25.24 -9.17
C CYS B 116 -4.08 -26.63 -9.80
N TYR B 117 -5.19 -27.35 -9.59
CA TYR B 117 -5.36 -28.68 -10.11
C TYR B 117 -6.36 -28.69 -11.25
N PHE B 118 -5.91 -29.07 -12.45
CA PHE B 118 -6.78 -29.13 -13.62
C PHE B 118 -7.24 -30.59 -13.77
N VAL B 119 -8.52 -30.87 -13.61
CA VAL B 119 -9.03 -32.23 -13.64
C VAL B 119 -9.91 -32.47 -14.86
N SER B 120 -9.62 -33.54 -15.59
CA SER B 120 -10.38 -33.87 -16.78
C SER B 120 -10.60 -35.38 -16.92
N LYS B 121 -11.58 -35.70 -17.77
CA LYS B 121 -11.91 -37.09 -18.09
C LYS B 121 -11.42 -37.34 -19.52
N PRO B 122 -10.31 -38.05 -19.64
CA PRO B 122 -9.73 -38.35 -20.94
C PRO B 122 -10.77 -39.04 -21.80
N GLY B 123 -11.03 -38.49 -22.98
CA GLY B 123 -12.02 -39.03 -23.90
C GLY B 123 -13.42 -38.53 -23.58
N GLY B 124 -13.59 -38.10 -22.33
CA GLY B 124 -14.88 -37.63 -21.84
C GLY B 124 -15.41 -36.46 -22.66
N SER B 125 -16.69 -36.16 -22.49
CA SER B 125 -17.32 -35.07 -23.21
C SER B 125 -17.80 -33.99 -22.24
N GLU B 126 -17.52 -34.21 -20.96
CA GLU B 126 -17.87 -33.27 -19.90
C GLU B 126 -16.75 -32.23 -19.81
N PRO B 127 -17.10 -31.00 -19.49
CA PRO B 127 -16.10 -29.94 -19.36
C PRO B 127 -15.20 -30.25 -18.16
N PRO B 128 -13.95 -29.85 -18.23
CA PRO B 128 -12.99 -30.09 -17.16
C PRO B 128 -13.20 -29.12 -16.01
N ALA B 129 -12.39 -29.30 -14.97
CA ALA B 129 -12.49 -28.46 -13.78
C ALA B 129 -11.11 -27.98 -13.34
N VAL B 130 -11.07 -26.77 -12.79
CA VAL B 130 -9.78 -26.28 -12.27
C VAL B 130 -9.98 -25.77 -10.86
N PHE B 131 -9.18 -26.26 -9.91
CA PHE B 131 -9.29 -25.88 -8.50
C PHE B 131 -8.18 -24.86 -8.26
N THR B 132 -8.57 -23.60 -8.12
CA THR B 132 -7.67 -22.47 -8.15
C THR B 132 -7.29 -21.88 -6.80
N GLY B 133 -7.72 -22.50 -5.71
CA GLY B 133 -7.35 -22.06 -4.37
C GLY B 133 -7.50 -20.55 -4.22
N ASP B 134 -6.42 -19.91 -3.80
CA ASP B 134 -6.44 -18.47 -3.57
C ASP B 134 -5.69 -17.71 -4.66
N THR B 135 -5.58 -18.33 -5.84
CA THR B 135 -4.98 -17.65 -6.98
C THR B 135 -6.09 -16.93 -7.75
N LEU B 136 -7.06 -17.66 -8.27
CA LEU B 136 -8.16 -17.07 -9.01
C LEU B 136 -9.46 -17.24 -8.22
N PHE B 137 -10.17 -16.15 -7.97
CA PHE B 137 -11.48 -16.29 -7.33
C PHE B 137 -12.52 -15.92 -8.39
N VAL B 138 -13.81 -16.13 -8.11
CA VAL B 138 -14.82 -15.67 -9.06
C VAL B 138 -14.78 -14.13 -9.05
N ALA B 139 -14.44 -13.51 -10.17
CA ALA B 139 -14.28 -12.08 -10.31
C ALA B 139 -13.16 -11.48 -9.46
N GLY B 140 -12.21 -12.27 -8.96
CA GLY B 140 -11.12 -11.72 -8.19
C GLY B 140 -9.82 -12.52 -8.22
N CYS B 141 -8.93 -12.23 -7.27
CA CYS B 141 -7.66 -12.95 -7.20
C CYS B 141 -7.09 -12.81 -5.79
N GLY B 142 -6.14 -13.67 -5.41
CA GLY B 142 -5.59 -13.57 -4.06
C GLY B 142 -4.61 -12.40 -3.92
N LYS B 143 -4.40 -11.95 -2.68
CA LYS B 143 -3.42 -10.90 -2.43
C LYS B 143 -2.04 -11.45 -2.73
N PHE B 144 -1.07 -10.60 -3.07
CA PHE B 144 0.23 -11.14 -3.50
C PHE B 144 1.18 -11.34 -2.34
N TYR B 145 0.79 -12.17 -1.37
CA TYR B 145 1.63 -12.35 -0.17
C TYR B 145 3.05 -12.80 -0.45
N GLU B 146 3.31 -13.68 -1.39
CA GLU B 146 4.68 -14.12 -1.64
C GLU B 146 5.11 -13.95 -3.08
N GLY B 147 4.57 -12.91 -3.75
CA GLY B 147 4.86 -12.76 -5.17
C GLY B 147 4.59 -11.39 -5.75
N THR B 148 4.78 -11.29 -7.06
CA THR B 148 4.65 -10.01 -7.74
C THR B 148 3.50 -9.97 -8.74
N ALA B 149 3.28 -8.75 -9.23
CA ALA B 149 2.24 -8.55 -10.24
C ALA B 149 2.55 -9.34 -11.50
N ASP B 150 3.83 -9.50 -11.81
CA ASP B 150 4.23 -10.25 -13.00
C ASP B 150 3.87 -11.72 -12.84
N GLU B 151 4.08 -12.21 -11.62
CA GLU B 151 3.74 -13.60 -11.32
C GLU B 151 2.23 -13.84 -11.44
N MET B 152 1.43 -12.89 -10.94
CA MET B 152 -0.02 -13.12 -11.00
C MET B 152 -0.51 -13.02 -12.44
N CYS B 153 0.17 -12.14 -13.21
CA CYS B 153 -0.19 -11.99 -14.63
C CYS B 153 0.03 -13.33 -15.33
N LYS B 154 1.20 -13.93 -15.13
CA LYS B 154 1.51 -15.24 -15.71
C LYS B 154 0.53 -16.31 -15.20
N ALA B 155 0.28 -16.35 -13.90
CA ALA B 155 -0.63 -17.37 -13.37
C ALA B 155 -1.99 -17.30 -14.04
N LEU B 156 -2.56 -16.09 -14.03
CA LEU B 156 -3.92 -15.91 -14.53
C LEU B 156 -4.05 -15.98 -16.05
N LEU B 157 -3.18 -15.25 -16.75
CA LEU B 157 -3.28 -15.19 -18.20
C LEU B 157 -2.55 -16.25 -19.01
N GLU B 158 -1.37 -16.66 -18.56
CA GLU B 158 -0.58 -17.64 -19.29
C GLU B 158 -0.75 -19.06 -18.82
N VAL B 159 -1.04 -19.27 -17.54
CA VAL B 159 -1.22 -20.66 -17.06
C VAL B 159 -2.69 -20.99 -17.01
N LEU B 160 -3.47 -20.35 -16.13
CA LEU B 160 -4.91 -20.69 -16.13
C LEU B 160 -5.60 -20.20 -17.40
N GLY B 161 -5.20 -19.03 -17.89
CA GLY B 161 -5.84 -18.44 -19.05
C GLY B 161 -5.80 -19.26 -20.32
N ARG B 162 -4.87 -20.20 -20.45
CA ARG B 162 -4.78 -21.01 -21.66
C ARG B 162 -5.52 -22.33 -21.57
N LEU B 163 -6.18 -22.55 -20.43
CA LEU B 163 -7.03 -23.74 -20.29
C LEU B 163 -8.27 -23.45 -21.12
N PRO B 164 -9.06 -24.46 -21.42
CA PRO B 164 -10.25 -24.29 -22.24
C PRO B 164 -11.23 -23.34 -21.55
N PRO B 165 -11.94 -22.54 -22.33
CA PRO B 165 -12.89 -21.56 -21.87
C PRO B 165 -14.03 -22.13 -21.06
N ASP B 166 -14.40 -23.38 -21.35
CA ASP B 166 -15.50 -24.00 -20.63
C ASP B 166 -15.04 -24.64 -19.33
N THR B 167 -13.78 -24.51 -18.97
CA THR B 167 -13.29 -25.07 -17.70
C THR B 167 -14.03 -24.45 -16.53
N ARG B 168 -14.56 -25.30 -15.64
CA ARG B 168 -15.25 -24.83 -14.44
C ARG B 168 -14.23 -24.43 -13.39
N VAL B 169 -14.42 -23.26 -12.81
CA VAL B 169 -13.52 -22.68 -11.81
C VAL B 169 -14.07 -22.87 -10.41
N TYR B 170 -13.34 -23.63 -9.60
CA TYR B 170 -13.73 -23.87 -8.19
C TYR B 170 -12.65 -23.26 -7.30
N CYS B 171 -12.94 -22.09 -6.72
CA CYS B 171 -11.92 -21.38 -5.98
C CYS B 171 -11.98 -21.53 -4.47
N GLY B 172 -10.99 -20.96 -3.80
CA GLY B 172 -10.83 -21.13 -2.35
C GLY B 172 -11.89 -20.51 -1.46
N HIS B 173 -12.44 -19.37 -1.86
CA HIS B 173 -13.36 -18.67 -0.98
C HIS B 173 -14.59 -18.06 -1.65
N GLU B 174 -15.58 -17.80 -0.80
CA GLU B 174 -16.82 -17.16 -1.21
C GLU B 174 -16.61 -15.65 -1.07
N TYR B 175 -15.91 -15.07 -2.05
CA TYR B 175 -15.65 -13.63 -2.03
C TYR B 175 -16.32 -12.94 -3.21
N THR B 176 -17.14 -13.67 -3.94
CA THR B 176 -17.70 -13.21 -5.21
C THR B 176 -18.38 -11.85 -5.21
N ILE B 177 -19.30 -11.65 -4.26
CA ILE B 177 -20.02 -10.38 -4.22
C ILE B 177 -19.08 -9.19 -4.07
N ASN B 178 -18.18 -9.21 -3.07
CA ASN B 178 -17.25 -8.10 -2.91
C ASN B 178 -16.32 -7.94 -4.09
N ASN B 179 -15.94 -9.09 -4.69
CA ASN B 179 -15.04 -9.02 -5.84
C ASN B 179 -15.74 -8.25 -6.97
N LEU B 180 -17.01 -8.55 -7.17
CA LEU B 180 -17.77 -7.91 -8.24
C LEU B 180 -18.03 -6.43 -7.91
N LYS B 181 -18.20 -6.10 -6.62
CA LYS B 181 -18.39 -4.68 -6.29
C LYS B 181 -17.10 -3.93 -6.68
N PHE B 182 -15.95 -4.56 -6.51
CA PHE B 182 -14.70 -3.92 -6.95
C PHE B 182 -14.66 -3.90 -8.48
N ALA B 183 -14.99 -5.00 -9.15
CA ALA B 183 -15.00 -5.04 -10.59
C ALA B 183 -15.87 -3.93 -11.17
N ARG B 184 -17.02 -3.70 -10.53
CA ARG B 184 -17.97 -2.66 -10.95
C ARG B 184 -17.36 -1.27 -10.90
N HIS B 185 -16.51 -1.02 -9.90
CA HIS B 185 -15.82 0.26 -9.77
C HIS B 185 -14.79 0.43 -10.89
N VAL B 186 -14.08 -0.65 -11.23
CA VAL B 186 -13.07 -0.60 -12.30
C VAL B 186 -13.66 -0.40 -13.68
N GLU B 187 -14.83 -0.99 -13.94
CA GLU B 187 -15.48 -0.88 -15.24
C GLU B 187 -16.98 -0.63 -15.08
N PRO B 188 -17.35 0.60 -14.81
CA PRO B 188 -18.75 0.93 -14.60
C PRO B 188 -19.59 0.63 -15.82
N GLY B 189 -19.07 0.64 -17.04
CA GLY B 189 -19.92 0.38 -18.21
C GLY B 189 -20.02 -1.07 -18.63
N ASN B 190 -19.50 -2.00 -17.83
CA ASN B 190 -19.50 -3.41 -18.19
C ASN B 190 -20.70 -4.13 -17.60
N ALA B 191 -21.67 -4.43 -18.46
CA ALA B 191 -22.89 -5.11 -18.04
C ALA B 191 -22.66 -6.52 -17.54
N ALA B 192 -21.66 -7.28 -18.00
CA ALA B 192 -21.47 -8.63 -17.49
C ALA B 192 -21.17 -8.59 -15.98
N ILE B 193 -20.51 -7.53 -15.53
CA ILE B 193 -20.22 -7.41 -14.09
C ILE B 193 -21.52 -7.27 -13.29
N ARG B 194 -22.29 -6.27 -13.74
CA ARG B 194 -23.56 -5.95 -13.10
C ARG B 194 -24.51 -7.12 -13.05
N GLU B 195 -24.58 -7.93 -14.11
CA GLU B 195 -25.51 -9.06 -14.10
C GLU B 195 -24.94 -10.20 -13.26
N LYS B 196 -23.62 -10.41 -13.33
CA LYS B 196 -23.05 -11.46 -12.46
C LYS B 196 -23.23 -11.05 -11.00
N LEU B 197 -23.20 -9.77 -10.68
CA LEU B 197 -23.41 -9.35 -9.28
C LEU B 197 -24.86 -9.56 -8.83
N ALA B 198 -25.79 -9.30 -9.74
CA ALA B 198 -27.21 -9.53 -9.40
C ALA B 198 -27.40 -11.01 -9.08
N TRP B 199 -26.78 -11.85 -9.92
CA TRP B 199 -26.85 -13.30 -9.76
C TRP B 199 -26.22 -13.75 -8.44
N ALA B 200 -25.05 -13.20 -8.11
CA ALA B 200 -24.35 -13.60 -6.87
C ALA B 200 -25.10 -13.17 -5.62
N LYS B 201 -25.72 -12.00 -5.65
CA LYS B 201 -26.51 -11.54 -4.50
C LYS B 201 -27.69 -12.49 -4.29
N GLU B 202 -28.27 -12.95 -5.39
CA GLU B 202 -29.42 -13.87 -5.29
C GLU B 202 -28.98 -15.21 -4.71
N LYS B 203 -27.86 -15.74 -5.20
CA LYS B 203 -27.33 -17.00 -4.66
C LYS B 203 -27.07 -16.84 -3.17
N TYR B 204 -26.42 -15.75 -2.81
CA TYR B 204 -26.12 -15.47 -1.39
C TYR B 204 -27.42 -15.46 -0.58
N SER B 205 -28.43 -14.82 -1.16
CA SER B 205 -29.73 -14.72 -0.52
C SER B 205 -30.37 -16.06 -0.19
N ILE B 206 -30.10 -17.07 -1.01
CA ILE B 206 -30.71 -18.38 -0.79
C ILE B 206 -29.76 -19.44 -0.23
N GLY B 207 -28.61 -19.02 0.26
CA GLY B 207 -27.59 -19.87 0.83
C GLY B 207 -26.88 -20.80 -0.14
N GLU B 208 -26.75 -20.44 -1.41
CA GLU B 208 -26.06 -21.28 -2.38
C GLU B 208 -24.72 -20.65 -2.81
N PRO B 209 -23.71 -21.46 -3.03
CA PRO B 209 -22.40 -20.99 -3.43
C PRO B 209 -22.41 -20.33 -4.80
N THR B 210 -21.41 -19.48 -5.05
CA THR B 210 -21.32 -18.83 -6.36
C THR B 210 -20.35 -19.59 -7.26
N VAL B 211 -19.86 -20.75 -6.85
CA VAL B 211 -18.95 -21.56 -7.64
C VAL B 211 -19.75 -22.77 -8.14
N PRO B 212 -19.37 -23.30 -9.26
CA PRO B 212 -18.26 -22.81 -10.05
C PRO B 212 -18.63 -21.72 -11.05
N SER B 213 -17.63 -21.04 -11.56
CA SER B 213 -17.81 -20.09 -12.66
C SER B 213 -17.10 -20.80 -13.83
N THR B 214 -16.83 -20.12 -14.93
CA THR B 214 -16.08 -20.76 -16.02
C THR B 214 -14.99 -19.77 -16.41
N LEU B 215 -13.90 -20.22 -17.03
CA LEU B 215 -12.86 -19.26 -17.44
C LEU B 215 -13.41 -18.22 -18.43
N ALA B 216 -14.25 -18.63 -19.39
CA ALA B 216 -14.81 -17.66 -20.34
C ALA B 216 -15.52 -16.57 -19.55
N GLU B 217 -16.27 -16.93 -18.52
CA GLU B 217 -16.96 -15.96 -17.68
C GLU B 217 -16.00 -15.02 -16.97
N GLU B 218 -14.92 -15.58 -16.42
CA GLU B 218 -13.94 -14.71 -15.76
C GLU B 218 -13.36 -13.68 -16.74
N PHE B 219 -13.21 -14.04 -18.01
CA PHE B 219 -12.64 -13.08 -18.94
C PHE B 219 -13.61 -11.95 -19.25
N THR B 220 -14.87 -12.11 -18.95
CA THR B 220 -15.89 -11.10 -19.16
C THR B 220 -16.04 -10.16 -17.97
N TYR B 221 -15.74 -10.56 -16.74
CA TYR B 221 -15.96 -9.65 -15.63
C TYR B 221 -14.86 -9.54 -14.58
N ASN B 222 -13.82 -10.37 -14.59
CA ASN B 222 -12.79 -10.33 -13.53
C ASN B 222 -11.71 -9.34 -13.91
N PRO B 223 -11.54 -8.23 -13.19
CA PRO B 223 -10.59 -7.19 -13.54
C PRO B 223 -9.15 -7.69 -13.60
N PHE B 224 -8.81 -8.68 -12.78
CA PHE B 224 -7.45 -9.24 -12.80
C PHE B 224 -7.23 -10.09 -14.04
N MET B 225 -8.27 -10.79 -14.50
CA MET B 225 -8.16 -11.54 -15.73
C MET B 225 -8.20 -10.64 -16.96
N ARG B 226 -8.66 -9.40 -16.77
CA ARG B 226 -8.85 -8.47 -17.87
C ARG B 226 -7.78 -7.38 -17.93
N VAL B 227 -6.59 -7.65 -17.38
CA VAL B 227 -5.55 -6.62 -17.36
C VAL B 227 -5.04 -6.32 -18.77
N ARG B 228 -5.40 -7.06 -19.79
CA ARG B 228 -5.02 -6.74 -21.16
C ARG B 228 -6.07 -5.89 -21.86
N GLU B 229 -7.24 -5.74 -21.26
CA GLU B 229 -8.31 -4.93 -21.84
C GLU B 229 -8.04 -3.43 -21.71
N LYS B 230 -8.23 -2.66 -22.77
CA LYS B 230 -7.96 -1.23 -22.72
C LYS B 230 -8.80 -0.51 -21.68
N THR B 231 -10.02 -0.99 -21.40
CA THR B 231 -10.84 -0.34 -20.37
C THR B 231 -10.20 -0.46 -19.00
N VAL B 232 -9.67 -1.65 -18.68
CA VAL B 232 -9.07 -1.84 -17.36
C VAL B 232 -7.76 -1.06 -17.24
N GLN B 233 -6.98 -1.11 -18.31
CA GLN B 233 -5.71 -0.37 -18.33
C GLN B 233 -5.96 1.12 -18.18
N GLN B 234 -6.97 1.66 -18.88
CA GLN B 234 -7.24 3.10 -18.78
C GLN B 234 -7.70 3.47 -17.38
N HIS B 235 -8.44 2.58 -16.71
CA HIS B 235 -8.86 2.86 -15.35
C HIS B 235 -7.63 2.98 -14.45
N ALA B 236 -6.64 2.12 -14.68
CA ALA B 236 -5.41 2.09 -13.91
C ALA B 236 -4.45 3.19 -14.37
N GLY B 237 -4.67 3.68 -15.58
CA GLY B 237 -3.74 4.68 -16.13
C GLY B 237 -2.43 3.99 -16.52
N GLU B 238 -2.52 2.80 -17.07
CA GLU B 238 -1.31 2.08 -17.50
C GLU B 238 -1.51 1.56 -18.91
N THR B 239 -0.49 1.03 -19.56
CA THR B 239 -0.66 0.50 -20.91
C THR B 239 -0.04 -0.86 -21.14
N ASP B 240 0.15 -1.63 -20.08
CA ASP B 240 0.66 -3.00 -20.17
C ASP B 240 -0.01 -3.77 -19.01
N PRO B 241 -0.21 -5.05 -19.17
CA PRO B 241 -0.92 -5.86 -18.20
C PRO B 241 -0.23 -6.03 -16.85
N VAL B 242 1.10 -6.07 -16.82
CA VAL B 242 1.79 -6.22 -15.55
C VAL B 242 1.64 -4.97 -14.68
N THR B 243 1.89 -3.77 -15.22
CA THR B 243 1.71 -2.59 -14.39
C THR B 243 0.23 -2.38 -14.07
N THR B 244 -0.67 -2.80 -14.97
CA THR B 244 -2.11 -2.68 -14.69
C THR B 244 -2.48 -3.63 -13.55
N MET B 245 -1.93 -4.85 -13.64
CA MET B 245 -2.12 -5.82 -12.55
C MET B 245 -1.68 -5.23 -11.21
N ARG B 246 -0.49 -4.64 -11.17
CA ARG B 246 0.02 -4.09 -9.91
C ARG B 246 -0.87 -3.00 -9.34
N ALA B 247 -1.31 -2.13 -10.24
CA ALA B 247 -2.12 -0.99 -9.82
C ALA B 247 -3.51 -1.44 -9.34
N VAL B 248 -4.12 -2.33 -10.10
CA VAL B 248 -5.48 -2.79 -9.72
C VAL B 248 -5.45 -3.59 -8.43
N ARG B 249 -4.41 -4.39 -8.20
CA ARG B 249 -4.31 -5.15 -6.95
C ARG B 249 -4.12 -4.20 -5.78
N ARG B 250 -3.28 -3.17 -5.93
CA ARG B 250 -3.10 -2.22 -4.83
C ARG B 250 -4.38 -1.44 -4.55
N GLU B 251 -5.07 -1.07 -5.61
CA GLU B 251 -6.34 -0.37 -5.52
C GLU B 251 -7.36 -1.23 -4.79
N LYS B 252 -7.48 -2.49 -5.17
CA LYS B 252 -8.44 -3.38 -4.52
C LYS B 252 -8.13 -3.49 -3.03
N ASP B 253 -6.88 -3.61 -2.67
CA ASP B 253 -6.43 -3.73 -1.29
C ASP B 253 -6.90 -2.58 -0.40
N GLN B 254 -7.00 -1.38 -0.95
CA GLN B 254 -7.46 -0.23 -0.18
C GLN B 254 -8.89 0.19 -0.50
N PHE B 255 -9.60 -0.60 -1.30
CA PHE B 255 -10.97 -0.26 -1.68
C PHE B 255 -11.98 -0.40 -0.55
N LYS B 256 -12.82 0.61 -0.36
CA LYS B 256 -13.85 0.48 0.68
C LYS B 256 -15.09 -0.13 0.03
N MET B 257 -15.53 -1.27 0.53
CA MET B 257 -16.69 -1.95 -0.06
C MET B 257 -18.00 -1.20 0.16
N PRO B 258 -18.72 -0.88 -0.91
CA PRO B 258 -20.02 -0.24 -0.83
C PRO B 258 -21.05 -1.19 -0.20
N ARG B 259 -22.16 -0.70 0.34
CA ARG B 259 -23.11 -1.62 0.97
C ARG B 259 -24.11 -2.23 0.01
N ASP B 260 -24.06 -1.86 -1.26
CA ASP B 260 -24.89 -2.43 -2.31
C ASP B 260 -24.05 -2.40 -3.61
#